data_5U13
#
_entry.id   5U13
#
_cell.length_a   95.881
_cell.length_b   84.803
_cell.length_c   84.223
_cell.angle_alpha   90.00
_cell.angle_beta   110.47
_cell.angle_gamma   90.00
#
_symmetry.space_group_name_H-M   'C 1 2 1'
#
loop_
_entity.id
_entity.type
_entity.pdbx_description
1 polymer 'Dihydropteroate synthase'
2 non-polymer 2-amino-8-{[2-(4-methoxyphenyl)-2-oxoethyl]sulfanyl}-1,9-dihydro-6H-purin-6-one
3 water water
#
_entity_poly.entity_id   1
_entity_poly.type   'polypeptide(L)'
_entity_poly.pdbx_seq_one_letter_code
;GSMKLFAQGTSLDLSHPHVMGILNVTPDSFSDGGTHNSLIDAVKHANLMINAGATIIDVGGESTRPGAAEVSVEEELQRV
IPVVEAIAQRFEVWISVDTSKPEVIRESAKVGAHIINDIRSLSEPGALEAAAETGLPVCLMHMQGNPKTMQEAPKYDDVF
AEVNRYFIEQIARCEQAGIAKEKLLLDPGFGFGKNLSHNYSLLARLAEFHHFNLPLLVGMSRKSMIGQLLNVGPSERLSG
SLACAVIAAMQGAHIIRVHDVKETVEAMRVVEATLSAKENKRYE
;
_entity_poly.pdbx_strand_id   A,B
#
# COMPACT_ATOMS: atom_id res chain seq x y z
N MET A 3 -5.41 -20.51 10.55
CA MET A 3 -5.74 -20.92 9.14
C MET A 3 -4.51 -21.49 8.45
N LYS A 4 -4.66 -22.69 7.88
CA LYS A 4 -3.53 -23.46 7.40
C LYS A 4 -3.93 -24.35 6.22
N LEU A 5 -3.02 -24.54 5.26
CA LEU A 5 -3.24 -25.48 4.14
C LEU A 5 -2.24 -26.60 4.24
N PHE A 6 -2.60 -27.76 3.68
CA PHE A 6 -1.77 -28.97 3.74
C PHE A 6 -1.68 -29.60 2.38
N ALA A 7 -0.47 -29.96 2.00
CA ALA A 7 -0.20 -30.50 0.70
C ALA A 7 1.18 -31.11 0.65
N GLN A 8 1.30 -32.22 -0.08
CA GLN A 8 2.57 -32.90 -0.35
C GLN A 8 3.42 -33.16 0.91
N GLY A 9 2.74 -33.47 2.01
CA GLY A 9 3.38 -33.70 3.29
C GLY A 9 3.88 -32.48 4.05
N THR A 10 3.60 -31.26 3.60
CA THR A 10 3.98 -30.04 4.34
C THR A 10 2.78 -29.14 4.53
N SER A 11 2.99 -28.03 5.25
CA SER A 11 1.91 -27.09 5.50
C SER A 11 2.36 -25.67 5.22
N LEU A 12 1.36 -24.81 4.97
CA LEU A 12 1.53 -23.39 4.77
C LEU A 12 0.74 -22.69 5.86
N ASP A 13 1.43 -21.87 6.64
CA ASP A 13 0.82 -21.12 7.75
C ASP A 13 0.32 -19.75 7.26
N LEU A 14 -1.00 -19.59 7.19
CA LEU A 14 -1.62 -18.35 6.71
C LEU A 14 -2.07 -17.43 7.84
N SER A 15 -1.32 -17.42 8.95
CA SER A 15 -1.51 -16.44 10.03
C SER A 15 -0.89 -15.08 9.66
N HIS A 16 -0.09 -15.05 8.60
CA HIS A 16 0.45 -13.80 8.03
C HIS A 16 0.41 -13.84 6.48
N PRO A 17 0.44 -12.68 5.82
CA PRO A 17 0.43 -12.72 4.36
C PRO A 17 1.65 -13.44 3.76
N HIS A 18 1.40 -14.13 2.64
CA HIS A 18 2.42 -14.76 1.87
C HIS A 18 2.46 -14.08 0.50
N VAL A 19 3.67 -14.00 -0.04
CA VAL A 19 3.89 -13.51 -1.39
C VAL A 19 4.11 -14.70 -2.35
N MET A 20 3.37 -14.69 -3.46
CA MET A 20 3.44 -15.71 -4.48
C MET A 20 4.07 -15.08 -5.70
N GLY A 21 5.25 -15.59 -6.09
CA GLY A 21 5.96 -15.11 -7.26
C GLY A 21 5.44 -15.73 -8.54
N ILE A 22 5.31 -14.91 -9.58
CA ILE A 22 4.78 -15.34 -10.87
C ILE A 22 5.92 -15.92 -11.72
N LEU A 23 5.76 -17.19 -12.12
CA LEU A 23 6.70 -17.79 -13.07
C LEU A 23 5.97 -18.15 -14.39
N ASN A 24 6.00 -17.24 -15.34
CA ASN A 24 5.29 -17.38 -16.62
C ASN A 24 6.18 -18.24 -17.54
N VAL A 25 5.72 -19.41 -17.96
CA VAL A 25 6.43 -20.22 -18.96
C VAL A 25 5.63 -20.37 -20.28
N THR A 26 4.82 -19.37 -20.61
CA THR A 26 4.34 -19.19 -21.99
C THR A 26 5.52 -18.52 -22.75
N ASN A 37 17.62 -21.58 -23.26
CA ASN A 37 17.00 -22.73 -22.61
C ASN A 37 15.96 -22.30 -21.59
N SER A 38 14.72 -22.72 -21.84
CA SER A 38 13.55 -22.33 -21.03
C SER A 38 13.61 -22.86 -19.62
N LEU A 39 13.96 -24.14 -19.48
CA LEU A 39 13.98 -24.80 -18.18
C LEU A 39 14.99 -24.15 -17.25
N ILE A 40 16.23 -23.97 -17.72
CA ILE A 40 17.27 -23.40 -16.84
C ILE A 40 16.88 -21.97 -16.37
N ASP A 41 16.41 -21.14 -17.30
CA ASP A 41 16.02 -19.74 -16.98
C ASP A 41 14.88 -19.68 -15.95
N ALA A 42 13.86 -20.53 -16.15
CA ALA A 42 12.73 -20.63 -15.25
C ALA A 42 13.16 -21.00 -13.84
N VAL A 43 14.07 -21.96 -13.72
CA VAL A 43 14.58 -22.36 -12.39
C VAL A 43 15.44 -21.24 -11.75
N LYS A 44 16.23 -20.53 -12.55
CA LYS A 44 16.98 -19.37 -12.02
C LYS A 44 16.01 -18.27 -11.54
N HIS A 45 14.92 -18.03 -12.27
CA HIS A 45 13.96 -17.03 -11.87
C HIS A 45 13.29 -17.45 -10.54
N ALA A 46 12.89 -18.70 -10.44
CA ALA A 46 12.31 -19.20 -9.18
C ALA A 46 13.25 -19.00 -8.00
N ASN A 47 14.52 -19.27 -8.24
CA ASN A 47 15.54 -19.18 -7.23
C ASN A 47 15.66 -17.75 -6.70
N LEU A 48 15.74 -16.77 -7.61
CA LEU A 48 15.74 -15.34 -7.26
C LEU A 48 14.48 -14.94 -6.47
N MET A 49 13.33 -15.46 -6.87
CA MET A 49 12.07 -15.14 -6.17
C MET A 49 12.04 -15.73 -4.78
N ILE A 50 12.54 -16.96 -4.63
CA ILE A 50 12.64 -17.57 -3.28
C ILE A 50 13.62 -16.78 -2.39
N ASN A 51 14.76 -16.38 -2.94
CA ASN A 51 15.74 -15.56 -2.20
C ASN A 51 15.15 -14.22 -1.78
N ALA A 52 14.26 -13.66 -2.63
CA ALA A 52 13.59 -12.40 -2.33
C ALA A 52 12.43 -12.51 -1.34
N GLY A 53 12.06 -13.73 -0.93
CA GLY A 53 11.06 -13.97 0.10
C GLY A 53 9.74 -14.62 -0.35
N ALA A 54 9.62 -14.95 -1.62
CA ALA A 54 8.43 -15.68 -2.09
C ALA A 54 8.36 -17.06 -1.43
N THR A 55 7.19 -17.40 -0.87
CA THR A 55 6.98 -18.70 -0.29
C THR A 55 6.11 -19.64 -1.17
N ILE A 56 5.58 -19.11 -2.27
CA ILE A 56 4.84 -19.89 -3.29
C ILE A 56 5.33 -19.40 -4.64
N ILE A 57 5.56 -20.31 -5.58
CA ILE A 57 5.86 -19.97 -6.94
C ILE A 57 4.70 -20.48 -7.81
N ASP A 58 4.16 -19.60 -8.65
CA ASP A 58 2.99 -19.88 -9.50
C ASP A 58 3.44 -20.09 -10.95
N VAL A 59 3.36 -21.36 -11.38
CA VAL A 59 3.85 -21.78 -12.68
C VAL A 59 2.68 -21.84 -13.62
N GLY A 60 2.76 -21.13 -14.74
CA GLY A 60 1.66 -21.07 -15.70
C GLY A 60 2.16 -21.16 -17.14
N GLY A 61 1.59 -22.10 -17.91
CA GLY A 61 1.98 -22.33 -19.30
C GLY A 61 0.93 -22.01 -20.37
N GLU A 62 -0.22 -21.46 -19.99
CA GLU A 62 -1.23 -21.02 -20.96
C GLU A 62 -1.54 -19.58 -20.66
N SER A 63 -1.36 -18.70 -21.65
CA SER A 63 -1.70 -17.28 -21.48
C SER A 63 -3.18 -17.17 -21.08
N THR A 64 -3.44 -16.33 -20.09
CA THR A 64 -4.78 -16.09 -19.57
C THR A 64 -5.18 -14.64 -19.87
N ARG A 65 -4.46 -14.02 -20.81
CA ARG A 65 -4.63 -12.61 -21.16
C ARG A 65 -5.85 -12.42 -22.10
N PRO A 66 -6.48 -11.21 -22.09
CA PRO A 66 -7.59 -10.94 -23.02
C PRO A 66 -7.23 -11.29 -24.48
N GLY A 67 -8.12 -11.98 -25.20
CA GLY A 67 -7.84 -12.49 -26.54
C GLY A 67 -6.92 -13.71 -26.69
N ALA A 68 -6.33 -14.21 -25.59
CA ALA A 68 -5.42 -15.37 -25.62
C ALA A 68 -5.93 -16.55 -26.46
N ALA A 69 -5.04 -17.16 -27.23
CA ALA A 69 -5.33 -18.43 -27.95
C ALA A 69 -5.05 -19.64 -27.01
N GLU A 70 -5.76 -20.75 -27.22
CA GLU A 70 -5.61 -21.96 -26.41
C GLU A 70 -4.32 -22.69 -26.76
N VAL A 71 -3.69 -23.36 -25.78
CA VAL A 71 -2.53 -24.23 -26.06
C VAL A 71 -2.92 -25.69 -25.91
N SER A 72 -2.29 -26.57 -26.68
CA SER A 72 -2.60 -28.00 -26.64
C SER A 72 -2.17 -28.57 -25.28
N VAL A 73 -2.79 -29.68 -24.90
CA VAL A 73 -2.42 -30.40 -23.68
C VAL A 73 -0.94 -30.77 -23.72
N GLU A 74 -0.45 -31.28 -24.85
CA GLU A 74 0.95 -31.75 -24.92
C GLU A 74 1.96 -30.58 -24.73
N GLU A 75 1.68 -29.45 -25.32
CA GLU A 75 2.52 -28.27 -25.21
C GLU A 75 2.48 -27.74 -23.78
N GLU A 76 1.30 -27.65 -23.18
CA GLU A 76 1.23 -27.16 -21.80
C GLU A 76 2.02 -28.06 -20.89
N LEU A 77 1.90 -29.38 -21.07
CA LEU A 77 2.63 -30.33 -20.22
C LEU A 77 4.13 -30.15 -20.38
N GLN A 78 4.60 -29.95 -21.61
CA GLN A 78 6.04 -29.72 -21.83
C GLN A 78 6.55 -28.43 -21.18
N ARG A 79 5.75 -27.37 -21.24
CA ARG A 79 6.13 -26.10 -20.59
C ARG A 79 6.15 -26.21 -19.05
N VAL A 80 5.13 -26.87 -18.49
CA VAL A 80 4.84 -26.79 -17.06
C VAL A 80 5.50 -27.88 -16.21
N ILE A 81 5.35 -29.14 -16.61
CA ILE A 81 5.73 -30.24 -15.70
C ILE A 81 7.23 -30.28 -15.38
N PRO A 82 8.10 -30.05 -16.37
CA PRO A 82 9.54 -30.06 -16.02
C PRO A 82 9.96 -28.89 -15.10
N VAL A 83 9.20 -27.79 -15.15
CA VAL A 83 9.45 -26.64 -14.28
C VAL A 83 9.00 -26.95 -12.85
N VAL A 84 7.79 -27.50 -12.70
CA VAL A 84 7.28 -27.90 -11.40
C VAL A 84 8.20 -28.97 -10.75
N GLU A 85 8.60 -29.97 -11.53
CA GLU A 85 9.48 -31.03 -11.04
C GLU A 85 10.83 -30.51 -10.53
N ALA A 86 11.52 -29.75 -11.37
CA ALA A 86 12.81 -29.15 -11.03
C ALA A 86 12.74 -28.31 -9.76
N ILE A 87 11.75 -27.44 -9.64
CA ILE A 87 11.55 -26.65 -8.42
C ILE A 87 11.27 -27.53 -7.19
N ALA A 88 10.40 -28.52 -7.34
CA ALA A 88 10.01 -29.37 -6.19
C ALA A 88 11.17 -30.21 -5.64
N GLN A 89 12.16 -30.50 -6.47
CA GLN A 89 13.28 -31.33 -6.02
C GLN A 89 14.54 -30.54 -5.67
N ARG A 90 14.50 -29.22 -5.82
CA ARG A 90 15.60 -28.35 -5.43
C ARG A 90 15.34 -27.44 -4.26
N PHE A 91 14.13 -26.93 -4.14
CA PHE A 91 13.80 -25.98 -3.07
C PHE A 91 12.67 -26.54 -2.24
N GLU A 92 12.40 -25.89 -1.12
CA GLU A 92 11.32 -26.29 -0.23
C GLU A 92 10.02 -25.48 -0.45
N VAL A 93 10.09 -24.46 -1.30
CA VAL A 93 8.98 -23.54 -1.56
C VAL A 93 7.70 -24.27 -2.03
N TRP A 94 6.52 -23.72 -1.70
CA TRP A 94 5.28 -24.24 -2.26
C TRP A 94 5.16 -23.85 -3.75
N ILE A 95 4.43 -24.67 -4.50
CA ILE A 95 4.30 -24.55 -5.96
C ILE A 95 2.81 -24.55 -6.26
N SER A 96 2.34 -23.51 -6.93
CA SER A 96 1.00 -23.50 -7.54
C SER A 96 1.12 -23.64 -9.04
N VAL A 97 0.12 -24.27 -9.62
CA VAL A 97 0.09 -24.47 -11.05
C VAL A 97 -1.16 -23.83 -11.57
N ASP A 98 -0.93 -23.00 -12.58
CA ASP A 98 -1.94 -22.19 -13.17
C ASP A 98 -2.47 -22.92 -14.41
N THR A 99 -3.43 -23.82 -14.22
CA THR A 99 -3.95 -24.64 -15.32
C THR A 99 -5.43 -24.93 -15.19
N SER A 100 -6.01 -25.23 -16.33
CA SER A 100 -7.40 -25.62 -16.47
C SER A 100 -7.56 -27.10 -16.89
N LYS A 101 -6.45 -27.78 -17.17
CA LYS A 101 -6.47 -29.06 -17.91
C LYS A 101 -6.33 -30.23 -16.96
N PRO A 102 -7.29 -31.20 -16.98
CA PRO A 102 -7.23 -32.34 -16.04
C PRO A 102 -5.90 -33.03 -16.01
N GLU A 103 -5.28 -33.24 -17.16
CA GLU A 103 -4.02 -33.95 -17.25
C GLU A 103 -2.88 -33.15 -16.61
N VAL A 104 -2.85 -31.84 -16.84
CA VAL A 104 -1.81 -31.00 -16.24
C VAL A 104 -2.01 -31.03 -14.72
N ILE A 105 -3.27 -31.00 -14.25
CA ILE A 105 -3.56 -31.11 -12.83
C ILE A 105 -2.97 -32.41 -12.26
N ARG A 106 -3.29 -33.54 -12.90
N ARG A 106 -3.29 -33.54 -12.90
CA ARG A 106 -2.79 -34.83 -12.43
CA ARG A 106 -2.78 -34.82 -12.42
C ARG A 106 -1.27 -34.90 -12.42
C ARG A 106 -1.27 -34.89 -12.42
N GLU A 107 -0.66 -34.60 -13.56
CA GLU A 107 0.79 -34.72 -13.69
C GLU A 107 1.53 -33.74 -12.79
N SER A 108 1.02 -32.50 -12.68
CA SER A 108 1.62 -31.50 -11.75
C SER A 108 1.68 -32.02 -10.31
N ALA A 109 0.56 -32.55 -9.84
CA ALA A 109 0.49 -33.10 -8.49
C ALA A 109 1.48 -34.26 -8.33
N LYS A 110 1.61 -35.09 -9.36
CA LYS A 110 2.54 -36.23 -9.30
C LYS A 110 3.98 -35.79 -9.08
N VAL A 111 4.40 -34.66 -9.68
CA VAL A 111 5.77 -34.17 -9.57
C VAL A 111 5.97 -33.11 -8.48
N GLY A 112 4.98 -32.92 -7.61
CA GLY A 112 5.14 -32.14 -6.38
C GLY A 112 4.38 -30.83 -6.19
N ALA A 113 3.49 -30.46 -7.11
CA ALA A 113 2.71 -29.20 -6.94
C ALA A 113 1.78 -29.24 -5.73
N HIS A 114 1.61 -28.09 -5.10
CA HIS A 114 0.89 -27.97 -3.86
C HIS A 114 -0.47 -27.35 -4.04
N ILE A 115 -0.66 -26.47 -5.03
CA ILE A 115 -1.94 -25.79 -5.18
C ILE A 115 -2.37 -25.76 -6.64
N ILE A 116 -3.66 -26.04 -6.88
CA ILE A 116 -4.22 -25.91 -8.22
C ILE A 116 -4.86 -24.55 -8.32
N ASN A 117 -4.37 -23.73 -9.23
CA ASN A 117 -4.81 -22.37 -9.29
C ASN A 117 -5.38 -22.16 -10.65
N ASP A 118 -6.66 -22.48 -10.78
CA ASP A 118 -7.32 -22.44 -12.09
C ASP A 118 -8.14 -21.17 -12.24
N ILE A 119 -7.80 -20.35 -13.24
CA ILE A 119 -8.62 -19.17 -13.58
C ILE A 119 -10.05 -19.52 -13.99
N ARG A 120 -10.25 -20.75 -14.51
CA ARG A 120 -11.58 -21.27 -14.87
C ARG A 120 -12.29 -22.03 -13.74
N SER A 121 -11.69 -22.07 -12.54
CA SER A 121 -12.33 -22.68 -11.38
C SER A 121 -12.84 -24.11 -11.69
N LEU A 122 -12.01 -24.87 -12.40
CA LEU A 122 -12.24 -26.28 -12.72
C LEU A 122 -13.48 -26.53 -13.57
N SER A 123 -13.77 -25.59 -14.46
CA SER A 123 -14.93 -25.67 -15.32
C SER A 123 -14.73 -26.61 -16.49
N GLU A 124 -13.49 -26.92 -16.85
CA GLU A 124 -13.22 -27.75 -18.01
C GLU A 124 -13.65 -29.20 -17.73
N PRO A 125 -14.19 -29.90 -18.78
CA PRO A 125 -14.61 -31.29 -18.58
C PRO A 125 -13.53 -32.11 -17.87
N GLY A 126 -13.88 -32.76 -16.76
CA GLY A 126 -12.90 -33.60 -16.03
C GLY A 126 -11.97 -32.90 -15.05
N ALA A 127 -11.95 -31.56 -15.07
CA ALA A 127 -11.06 -30.80 -14.19
C ALA A 127 -11.42 -30.98 -12.74
N LEU A 128 -12.73 -30.88 -12.44
CA LEU A 128 -13.22 -30.97 -11.09
C LEU A 128 -12.85 -32.32 -10.47
N GLU A 129 -12.98 -33.39 -11.25
CA GLU A 129 -12.62 -34.74 -10.76
C GLU A 129 -11.12 -34.93 -10.61
N ALA A 130 -10.35 -34.40 -11.56
CA ALA A 130 -8.89 -34.43 -11.47
C ALA A 130 -8.36 -33.74 -10.21
N ALA A 131 -8.87 -32.55 -9.94
CA ALA A 131 -8.51 -31.81 -8.74
C ALA A 131 -8.85 -32.59 -7.46
N ALA A 132 -10.08 -33.09 -7.38
CA ALA A 132 -10.52 -33.90 -6.22
C ALA A 132 -9.56 -35.08 -6.01
N GLU A 133 -9.25 -35.78 -7.07
CA GLU A 133 -8.35 -36.91 -7.01
C GLU A 133 -6.97 -36.60 -6.44
N THR A 134 -6.42 -35.43 -6.70
CA THR A 134 -5.10 -35.04 -6.18
C THR A 134 -5.08 -34.83 -4.67
N GLY A 135 -6.21 -34.49 -4.08
CA GLY A 135 -6.27 -34.04 -2.70
C GLY A 135 -5.69 -32.64 -2.43
N LEU A 136 -5.21 -31.95 -3.48
CA LEU A 136 -4.57 -30.63 -3.29
C LEU A 136 -5.56 -29.49 -3.03
N PRO A 137 -5.08 -28.44 -2.34
CA PRO A 137 -5.78 -27.18 -2.29
C PRO A 137 -6.12 -26.64 -3.68
N VAL A 138 -7.26 -25.99 -3.77
CA VAL A 138 -7.80 -25.46 -5.01
C VAL A 138 -8.22 -24.01 -4.83
N CYS A 139 -7.76 -23.16 -5.72
CA CYS A 139 -8.14 -21.75 -5.70
C CYS A 139 -9.25 -21.58 -6.72
N LEU A 140 -10.38 -21.08 -6.22
CA LEU A 140 -11.51 -20.71 -7.03
C LEU A 140 -11.46 -19.23 -7.36
N MET A 141 -11.24 -18.93 -8.65
CA MET A 141 -11.21 -17.53 -9.09
C MET A 141 -12.47 -17.13 -9.86
N HIS A 142 -12.98 -15.94 -9.60
CA HIS A 142 -14.04 -15.42 -10.41
C HIS A 142 -13.52 -14.81 -11.76
N MET A 143 -14.17 -15.21 -12.84
CA MET A 143 -14.02 -14.63 -14.18
C MET A 143 -15.42 -14.54 -14.80
N GLN A 144 -15.75 -13.40 -15.41
CA GLN A 144 -16.94 -13.28 -16.23
C GLN A 144 -16.60 -13.67 -17.66
N GLY A 145 -17.25 -14.72 -18.16
CA GLY A 145 -16.97 -15.21 -19.52
C GLY A 145 -15.70 -16.01 -19.61
N ASN A 146 -14.95 -15.85 -20.70
CA ASN A 146 -13.65 -16.54 -20.83
C ASN A 146 -12.61 -15.55 -21.38
N PRO A 147 -11.33 -15.93 -21.37
CA PRO A 147 -10.31 -14.97 -21.77
C PRO A 147 -10.48 -14.35 -23.16
N LYS A 148 -11.09 -15.06 -24.11
CA LYS A 148 -11.28 -14.49 -25.45
C LYS A 148 -12.24 -13.31 -25.46
N THR A 149 -13.25 -13.28 -24.57
CA THR A 149 -14.27 -12.24 -24.63
C THR A 149 -14.52 -11.44 -23.36
N MET A 150 -13.85 -11.81 -22.26
CA MET A 150 -14.17 -11.27 -20.95
C MET A 150 -14.05 -9.73 -20.87
N GLN A 151 -13.08 -9.17 -21.60
CA GLN A 151 -12.86 -7.73 -21.54
C GLN A 151 -13.58 -6.92 -22.62
N GLU A 152 -14.37 -7.56 -23.48
CA GLU A 152 -15.11 -6.81 -24.48
C GLU A 152 -16.06 -5.84 -23.86
N ALA A 153 -16.93 -6.29 -22.95
CA ALA A 153 -17.88 -5.36 -22.34
C ALA A 153 -18.32 -5.94 -21.00
N PRO A 154 -17.40 -5.91 -20.01
CA PRO A 154 -17.77 -6.44 -18.70
C PRO A 154 -18.93 -5.68 -18.13
N LYS A 155 -19.89 -6.39 -17.54
CA LYS A 155 -21.08 -5.76 -17.04
C LYS A 155 -21.60 -6.50 -15.81
N TYR A 156 -21.99 -5.73 -14.80
CA TYR A 156 -22.58 -6.25 -13.55
C TYR A 156 -23.63 -5.23 -13.09
N ASP A 157 -24.71 -5.72 -12.50
CA ASP A 157 -25.60 -4.82 -11.75
C ASP A 157 -24.97 -4.50 -10.42
N ASP A 158 -24.30 -5.49 -9.83
CA ASP A 158 -23.64 -5.32 -8.54
C ASP A 158 -22.48 -6.28 -8.50
N VAL A 159 -21.26 -5.79 -8.78
CA VAL A 159 -20.12 -6.71 -8.95
C VAL A 159 -19.76 -7.47 -7.70
N PHE A 160 -19.80 -6.84 -6.54
CA PHE A 160 -19.48 -7.55 -5.32
C PHE A 160 -20.48 -8.72 -5.08
N ALA A 161 -21.76 -8.42 -5.19
CA ALA A 161 -22.80 -9.42 -4.93
C ALA A 161 -22.71 -10.55 -5.93
N GLU A 162 -22.41 -10.21 -7.20
CA GLU A 162 -22.32 -11.23 -8.21
C GLU A 162 -21.08 -12.09 -8.02
N VAL A 163 -19.95 -11.51 -7.65
CA VAL A 163 -18.76 -12.37 -7.34
C VAL A 163 -19.03 -13.20 -6.03
N ASN A 164 -19.62 -12.56 -5.05
CA ASN A 164 -19.97 -13.26 -3.80
C ASN A 164 -20.86 -14.49 -4.09
N ARG A 165 -21.87 -14.31 -4.92
CA ARG A 165 -22.77 -15.42 -5.32
C ARG A 165 -22.03 -16.52 -6.06
N TYR A 166 -21.14 -16.11 -6.97
CA TYR A 166 -20.33 -17.09 -7.69
C TYR A 166 -19.53 -17.95 -6.72
N PHE A 167 -18.95 -17.35 -5.68
CA PHE A 167 -18.15 -18.15 -4.73
C PHE A 167 -19.06 -19.15 -3.95
N ILE A 168 -20.26 -18.71 -3.54
CA ILE A 168 -21.23 -19.62 -2.89
C ILE A 168 -21.46 -20.82 -3.80
N GLU A 169 -21.77 -20.55 -5.05
CA GLU A 169 -22.05 -21.62 -6.03
C GLU A 169 -20.87 -22.56 -6.27
N GLN A 170 -19.67 -21.99 -6.49
CA GLN A 170 -18.48 -22.82 -6.70
C GLN A 170 -18.00 -23.58 -5.48
N ILE A 171 -18.14 -23.00 -4.30
CA ILE A 171 -17.80 -23.75 -3.08
C ILE A 171 -18.66 -25.04 -3.02
N ALA A 172 -19.95 -24.89 -3.26
CA ALA A 172 -20.90 -26.00 -3.23
C ALA A 172 -20.52 -27.05 -4.27
N ARG A 173 -20.25 -26.58 -5.49
CA ARG A 173 -19.84 -27.49 -6.57
C ARG A 173 -18.65 -28.32 -6.16
N CYS A 174 -17.64 -27.69 -5.56
CA CYS A 174 -16.45 -28.40 -5.10
C CYS A 174 -16.71 -29.40 -3.96
N GLU A 175 -17.54 -29.00 -3.00
CA GLU A 175 -17.91 -29.88 -1.89
C GLU A 175 -18.63 -31.12 -2.43
N GLN A 176 -19.57 -30.90 -3.33
CA GLN A 176 -20.33 -31.95 -3.98
C GLN A 176 -19.40 -33.00 -4.61
N ALA A 177 -18.33 -32.54 -5.24
CA ALA A 177 -17.35 -33.41 -5.88
C ALA A 177 -16.37 -34.05 -4.91
N GLY A 178 -16.51 -33.80 -3.62
CA GLY A 178 -15.64 -34.42 -2.63
C GLY A 178 -14.42 -33.59 -2.24
N ILE A 179 -14.36 -32.33 -2.66
CA ILE A 179 -13.31 -31.42 -2.20
C ILE A 179 -13.85 -30.71 -0.95
N ALA A 180 -13.18 -30.92 0.18
CA ALA A 180 -13.58 -30.29 1.44
C ALA A 180 -13.31 -28.79 1.43
N LYS A 181 -14.15 -28.05 2.12
CA LYS A 181 -14.04 -26.63 2.17
C LYS A 181 -12.64 -26.20 2.62
N GLU A 182 -12.04 -26.96 3.51
CA GLU A 182 -10.73 -26.64 4.11
C GLU A 182 -9.60 -26.59 3.07
N LYS A 183 -9.85 -27.18 1.90
CA LYS A 183 -8.92 -27.14 0.79
C LYS A 183 -9.07 -25.90 -0.12
N LEU A 184 -10.12 -25.10 0.04
CA LEU A 184 -10.43 -24.08 -0.93
C LEU A 184 -9.78 -22.73 -0.62
N LEU A 185 -9.45 -21.98 -1.67
CA LEU A 185 -9.08 -20.58 -1.56
C LEU A 185 -9.97 -19.80 -2.51
N LEU A 186 -10.23 -18.54 -2.19
CA LEU A 186 -11.04 -17.69 -3.04
C LEU A 186 -10.24 -16.48 -3.60
N ASP A 187 -10.52 -16.12 -4.84
CA ASP A 187 -9.83 -15.02 -5.53
C ASP A 187 -10.86 -14.31 -6.38
N PRO A 188 -11.08 -13.02 -6.14
CA PRO A 188 -12.08 -12.30 -6.92
C PRO A 188 -11.72 -12.04 -8.38
N GLY A 189 -10.50 -12.36 -8.79
CA GLY A 189 -10.13 -12.33 -10.20
C GLY A 189 -10.05 -10.95 -10.80
N PHE A 190 -9.18 -10.14 -10.22
CA PHE A 190 -8.95 -8.79 -10.71
C PHE A 190 -8.54 -8.88 -12.19
N GLY A 191 -9.24 -8.11 -13.01
CA GLY A 191 -8.95 -7.99 -14.45
C GLY A 191 -9.63 -9.05 -15.29
N PHE A 192 -10.31 -10.03 -14.67
CA PHE A 192 -10.96 -11.11 -15.40
C PHE A 192 -12.45 -10.84 -15.61
N GLY A 193 -12.72 -10.04 -16.63
CA GLY A 193 -14.07 -9.61 -16.97
C GLY A 193 -14.56 -8.49 -16.09
N LYS A 194 -13.70 -7.50 -15.94
CA LYS A 194 -13.98 -6.35 -15.06
C LYS A 194 -13.40 -5.10 -15.70
N ASN A 195 -14.15 -4.01 -15.69
CA ASN A 195 -13.60 -2.71 -15.99
C ASN A 195 -12.92 -2.10 -14.74
N LEU A 196 -12.34 -0.93 -14.93
CA LEU A 196 -11.62 -0.23 -13.85
C LEU A 196 -12.49 -0.07 -12.61
N SER A 197 -13.72 0.41 -12.76
CA SER A 197 -14.57 0.68 -11.61
C SER A 197 -14.96 -0.64 -10.88
N HIS A 198 -15.20 -1.72 -11.64
CA HIS A 198 -15.51 -3.02 -11.07
C HIS A 198 -14.35 -3.51 -10.18
N ASN A 199 -13.12 -3.34 -10.70
CA ASN A 199 -11.95 -3.79 -9.95
C ASN A 199 -11.82 -3.06 -8.63
N TYR A 200 -11.97 -1.74 -8.65
CA TYR A 200 -11.81 -0.97 -7.41
C TYR A 200 -12.94 -1.25 -6.42
N SER A 201 -14.16 -1.54 -6.91
CA SER A 201 -15.24 -1.97 -6.00
C SER A 201 -14.87 -3.26 -5.24
N LEU A 202 -14.29 -4.25 -5.93
CA LEU A 202 -13.88 -5.49 -5.32
C LEU A 202 -12.73 -5.32 -4.35
N LEU A 203 -11.77 -4.48 -4.70
CA LEU A 203 -10.66 -4.19 -3.79
C LEU A 203 -11.15 -3.48 -2.51
N ALA A 204 -12.01 -2.48 -2.68
CA ALA A 204 -12.53 -1.71 -1.58
C ALA A 204 -13.35 -2.57 -0.58
N ARG A 205 -13.99 -3.63 -1.09
CA ARG A 205 -14.87 -4.50 -0.30
C ARG A 205 -14.29 -5.85 -0.05
N LEU A 206 -12.97 -5.98 -0.27
CA LEU A 206 -12.34 -7.28 -0.19
C LEU A 206 -12.54 -7.97 1.16
N ALA A 207 -12.46 -7.21 2.25
CA ALA A 207 -12.57 -7.80 3.61
C ALA A 207 -13.90 -8.50 3.79
N GLU A 208 -14.94 -8.06 3.09
CA GLU A 208 -16.23 -8.68 3.23
C GLU A 208 -16.26 -10.14 2.74
N PHE A 209 -15.32 -10.53 1.87
CA PHE A 209 -15.22 -11.92 1.45
C PHE A 209 -14.72 -12.88 2.51
N HIS A 210 -14.21 -12.37 3.63
CA HIS A 210 -13.82 -13.20 4.76
C HIS A 210 -14.98 -13.97 5.42
N HIS A 211 -16.24 -13.61 5.17
CA HIS A 211 -17.38 -14.37 5.74
C HIS A 211 -17.36 -15.86 5.41
N PHE A 212 -16.71 -16.27 4.31
CA PHE A 212 -16.59 -17.69 3.99
C PHE A 212 -15.58 -18.41 4.89
N ASN A 213 -14.78 -17.66 5.63
CA ASN A 213 -13.73 -18.23 6.46
C ASN A 213 -12.76 -19.08 5.65
N LEU A 214 -12.44 -18.61 4.43
CA LEU A 214 -11.49 -19.27 3.55
C LEU A 214 -10.34 -18.30 3.21
N PRO A 215 -9.15 -18.84 2.91
CA PRO A 215 -8.06 -17.98 2.45
C PRO A 215 -8.42 -17.19 1.21
N LEU A 216 -8.07 -15.89 1.20
CA LEU A 216 -8.20 -15.03 0.03
C LEU A 216 -6.85 -14.86 -0.66
N LEU A 217 -6.88 -15.08 -1.98
CA LEU A 217 -5.72 -14.93 -2.86
C LEU A 217 -6.09 -13.78 -3.80
N VAL A 218 -5.16 -12.84 -4.01
CA VAL A 218 -5.39 -11.73 -4.95
C VAL A 218 -4.19 -11.57 -5.84
N GLY A 219 -4.46 -11.14 -7.07
CA GLY A 219 -3.41 -10.87 -8.04
C GLY A 219 -3.74 -9.57 -8.75
N MET A 220 -3.01 -8.49 -8.42
CA MET A 220 -3.17 -7.19 -9.04
C MET A 220 -1.91 -6.64 -9.75
N SER A 221 -0.81 -7.37 -9.62
CA SER A 221 0.53 -6.93 -10.02
C SER A 221 0.61 -6.53 -11.47
N ARG A 222 0.88 -5.26 -11.71
CA ARG A 222 1.08 -4.70 -13.05
C ARG A 222 -0.18 -4.73 -13.92
N LYS A 223 -1.36 -4.88 -13.32
CA LYS A 223 -2.56 -5.10 -14.12
C LYS A 223 -3.16 -3.80 -14.61
N SER A 224 -4.13 -3.92 -15.51
CA SER A 224 -4.84 -2.74 -16.03
C SER A 224 -5.46 -1.84 -15.01
N MET A 225 -5.90 -2.38 -13.87
CA MET A 225 -6.48 -1.48 -12.86
C MET A 225 -5.49 -0.45 -12.34
N ILE A 226 -4.20 -0.74 -12.44
CA ILE A 226 -3.18 0.23 -12.21
C ILE A 226 -2.87 1.03 -13.51
N GLY A 227 -2.58 0.33 -14.60
CA GLY A 227 -2.29 0.93 -15.91
C GLY A 227 -3.26 1.98 -16.41
N GLN A 228 -4.55 1.66 -16.38
CA GLN A 228 -5.61 2.61 -16.83
C GLN A 228 -5.86 3.73 -15.83
N LEU A 229 -5.60 3.49 -14.56
CA LEU A 229 -5.73 4.54 -13.58
C LEU A 229 -4.60 5.56 -13.76
N LEU A 230 -3.38 5.08 -13.93
CA LEU A 230 -2.20 5.94 -14.03
C LEU A 230 -1.83 6.33 -15.47
N ASN A 231 -2.39 5.65 -16.46
CA ASN A 231 -2.07 5.87 -17.88
C ASN A 231 -0.59 5.64 -18.18
N VAL A 232 -0.07 4.51 -17.67
CA VAL A 232 1.31 4.11 -17.90
C VAL A 232 1.39 2.69 -18.42
N GLY A 233 2.54 2.38 -19.04
CA GLY A 233 2.78 1.05 -19.56
C GLY A 233 3.08 0.07 -18.45
N PRO A 234 3.31 -1.20 -18.81
CA PRO A 234 3.45 -2.29 -17.85
C PRO A 234 4.71 -2.25 -17.03
N SER A 235 5.73 -1.53 -17.47
CA SER A 235 6.96 -1.45 -16.67
C SER A 235 6.95 -0.29 -15.66
N GLU A 236 5.90 0.54 -15.66
CA GLU A 236 5.83 1.72 -14.80
C GLU A 236 4.81 1.54 -13.64
N ARG A 237 4.51 0.30 -13.28
CA ARG A 237 3.38 0.00 -12.39
C ARG A 237 3.77 -0.50 -11.03
N LEU A 238 5.05 -0.43 -10.65
CA LEU A 238 5.47 -1.01 -9.40
C LEU A 238 4.82 -0.31 -8.21
N SER A 239 4.83 1.01 -8.18
CA SER A 239 4.27 1.72 -7.03
C SER A 239 2.77 1.42 -6.84
N GLY A 240 2.04 1.46 -7.95
CA GLY A 240 0.61 1.13 -7.96
C GLY A 240 0.37 -0.30 -7.52
N SER A 241 1.24 -1.21 -7.97
CA SER A 241 1.19 -2.63 -7.61
C SER A 241 1.38 -2.83 -6.10
N LEU A 242 2.33 -2.09 -5.53
CA LEU A 242 2.57 -2.19 -4.08
C LEU A 242 1.41 -1.62 -3.30
N ALA A 243 0.85 -0.52 -3.79
CA ALA A 243 -0.31 0.05 -3.16
C ALA A 243 -1.48 -0.94 -3.14
N CYS A 244 -1.78 -1.57 -4.27
CA CYS A 244 -2.80 -2.62 -4.31
C CYS A 244 -2.55 -3.79 -3.33
N ALA A 245 -1.31 -4.27 -3.28
CA ALA A 245 -0.92 -5.35 -2.42
C ALA A 245 -1.09 -4.98 -0.95
N VAL A 246 -0.68 -3.78 -0.58
CA VAL A 246 -0.81 -3.31 0.80
C VAL A 246 -2.29 -3.14 1.17
N ILE A 247 -3.09 -2.58 0.27
CA ILE A 247 -4.53 -2.41 0.50
C ILE A 247 -5.23 -3.74 0.75
N ALA A 248 -4.83 -4.75 -0.03
CA ALA A 248 -5.41 -6.07 0.09
C ALA A 248 -4.93 -6.74 1.38
N ALA A 249 -3.62 -6.70 1.63
CA ALA A 249 -3.04 -7.30 2.82
C ALA A 249 -3.56 -6.68 4.15
N MET A 250 -3.79 -5.36 4.15
CA MET A 250 -4.40 -4.69 5.33
C MET A 250 -5.83 -5.14 5.63
N GLN A 251 -6.50 -5.61 4.59
CA GLN A 251 -7.82 -6.26 4.73
C GLN A 251 -7.76 -7.74 4.94
N GLY A 252 -6.61 -8.26 5.31
CA GLY A 252 -6.50 -9.68 5.67
C GLY A 252 -6.32 -10.66 4.54
N ALA A 253 -6.00 -10.20 3.32
CA ALA A 253 -5.68 -11.15 2.25
C ALA A 253 -4.51 -12.02 2.64
N HIS A 254 -4.57 -13.30 2.31
CA HIS A 254 -3.59 -14.29 2.74
C HIS A 254 -2.46 -14.53 1.75
N ILE A 255 -2.71 -14.44 0.46
CA ILE A 255 -1.68 -14.68 -0.55
C ILE A 255 -1.77 -13.56 -1.61
N ILE A 256 -0.64 -12.92 -1.90
CA ILE A 256 -0.54 -11.82 -2.82
C ILE A 256 0.33 -12.27 -3.99
N ARG A 257 -0.24 -12.32 -5.20
CA ARG A 257 0.44 -12.86 -6.36
C ARG A 257 1.08 -11.71 -7.13
N VAL A 258 2.40 -11.77 -7.31
CA VAL A 258 3.14 -10.64 -7.85
C VAL A 258 4.30 -11.01 -8.77
N HIS A 259 4.69 -10.03 -9.59
CA HIS A 259 5.92 -10.08 -10.38
C HIS A 259 7.16 -9.66 -9.58
N ASP A 260 7.01 -8.61 -8.79
CA ASP A 260 8.12 -7.95 -8.09
C ASP A 260 8.16 -8.39 -6.62
N VAL A 261 8.87 -9.50 -6.37
CA VAL A 261 8.77 -10.21 -5.09
C VAL A 261 9.47 -9.45 -3.93
N LYS A 262 10.70 -9.02 -4.16
CA LYS A 262 11.48 -8.31 -3.11
C LYS A 262 10.71 -7.11 -2.54
N GLU A 263 10.25 -6.25 -3.43
CA GLU A 263 9.55 -5.04 -3.01
C GLU A 263 8.23 -5.39 -2.32
N THR A 264 7.54 -6.39 -2.83
CA THR A 264 6.29 -6.81 -2.20
C THR A 264 6.48 -7.38 -0.79
N VAL A 265 7.46 -8.27 -0.64
CA VAL A 265 7.77 -8.84 0.66
C VAL A 265 8.12 -7.71 1.64
N GLU A 266 8.90 -6.73 1.23
CA GLU A 266 9.21 -5.60 2.13
C GLU A 266 7.94 -4.88 2.57
N ALA A 267 7.07 -4.57 1.60
CA ALA A 267 5.79 -3.97 1.92
C ALA A 267 4.97 -4.86 2.86
N MET A 268 4.98 -6.18 2.65
CA MET A 268 4.23 -7.09 3.56
C MET A 268 4.76 -7.12 4.99
N ARG A 269 6.06 -6.96 5.17
CA ARG A 269 6.66 -6.83 6.52
C ARG A 269 6.08 -5.64 7.30
N VAL A 270 5.92 -4.52 6.60
CA VAL A 270 5.36 -3.32 7.21
C VAL A 270 3.91 -3.57 7.57
N VAL A 271 3.17 -4.20 6.65
CA VAL A 271 1.80 -4.57 6.96
C VAL A 271 1.72 -5.49 8.20
N GLU A 272 2.58 -6.51 8.24
CA GLU A 272 2.60 -7.46 9.36
C GLU A 272 2.89 -6.75 10.68
N ALA A 273 3.82 -5.82 10.65
CA ALA A 273 4.17 -5.06 11.84
C ALA A 273 3.00 -4.20 12.29
N THR A 274 2.27 -3.62 11.35
CA THR A 274 1.08 -2.84 11.63
C THR A 274 -0.08 -3.71 12.14
N LEU A 275 -0.36 -4.82 11.45
CA LEU A 275 -1.45 -5.72 11.90
C LEU A 275 -1.17 -6.32 13.31
N SER A 276 0.07 -6.65 13.60
CA SER A 276 0.40 -7.22 14.91
C SER A 276 0.22 -6.21 16.05
N ALA A 277 0.42 -4.92 15.77
CA ALA A 277 0.12 -3.85 16.74
C ALA A 277 -1.38 -3.53 16.90
N LYS A 278 -2.21 -4.06 16.02
CA LYS A 278 -3.64 -3.80 16.03
C LYS A 278 -4.33 -4.86 16.88
N GLU A 279 -5.46 -4.48 17.48
CA GLU A 279 -6.16 -5.38 18.42
C GLU A 279 -6.88 -6.55 17.71
N ASN A 280 -7.58 -6.25 16.61
CA ASN A 280 -8.37 -7.23 15.86
C ASN A 280 -7.72 -7.70 14.55
N LYS A 281 -6.45 -7.34 14.34
CA LYS A 281 -5.63 -7.73 13.17
C LYS A 281 -6.23 -7.63 11.75
N ARG A 282 -7.03 -6.62 11.49
CA ARG A 282 -7.65 -6.44 10.15
C ARG A 282 -8.28 -5.05 9.97
N TYR A 283 -8.15 -4.50 8.75
CA TYR A 283 -8.86 -3.26 8.34
C TYR A 283 -10.09 -3.56 7.50
N GLU A 284 -11.14 -2.79 7.72
CA GLU A 284 -12.46 -3.01 7.10
C GLU A 284 -13.16 -1.65 6.98
N SER B 2 -14.82 17.43 2.69
CA SER B 2 -15.28 18.74 3.23
C SER B 2 -14.21 19.54 4.00
N MET B 3 -13.24 18.89 4.65
CA MET B 3 -12.17 19.61 5.36
C MET B 3 -11.34 20.48 4.37
N LYS B 4 -11.17 21.76 4.68
CA LYS B 4 -10.32 22.68 3.92
C LYS B 4 -9.48 23.57 4.85
N LEU B 5 -8.28 23.92 4.38
CA LEU B 5 -7.47 24.94 4.99
C LEU B 5 -7.38 26.13 4.07
N PHE B 6 -7.21 27.31 4.66
CA PHE B 6 -7.09 28.55 3.94
C PHE B 6 -5.80 29.28 4.34
N ALA B 7 -5.05 29.75 3.35
CA ALA B 7 -3.89 30.57 3.60
C ALA B 7 -3.49 31.28 2.35
N GLN B 8 -2.99 32.50 2.52
CA GLN B 8 -2.36 33.29 1.47
C GLN B 8 -3.24 33.42 0.19
N GLY B 9 -4.54 33.51 0.41
CA GLY B 9 -5.51 33.70 -0.68
C GLY B 9 -5.97 32.46 -1.42
N THR B 10 -5.53 31.30 -0.94
CA THR B 10 -5.85 30.04 -1.62
C THR B 10 -6.33 29.05 -0.60
N SER B 11 -6.71 27.86 -1.06
CA SER B 11 -7.18 26.82 -0.18
C SER B 11 -6.66 25.45 -0.52
N LEU B 12 -6.63 24.60 0.48
CA LEU B 12 -6.23 23.23 0.33
C LEU B 12 -7.47 22.36 0.56
N ASP B 13 -7.86 21.60 -0.47
CA ASP B 13 -9.01 20.70 -0.39
C ASP B 13 -8.58 19.36 0.21
N LEU B 14 -9.04 19.07 1.42
CA LEU B 14 -8.58 17.86 2.13
C LEU B 14 -9.58 16.72 2.05
N SER B 15 -10.43 16.76 1.03
CA SER B 15 -11.32 15.67 0.73
C SER B 15 -10.61 14.44 0.17
N HIS B 16 -9.34 14.60 -0.25
CA HIS B 16 -8.46 13.50 -0.70
C HIS B 16 -7.05 13.72 -0.11
N PRO B 17 -6.20 12.68 -0.09
CA PRO B 17 -4.87 12.88 0.45
C PRO B 17 -3.99 13.76 -0.46
N HIS B 18 -3.13 14.54 0.18
CA HIS B 18 -2.13 15.34 -0.50
C HIS B 18 -0.75 14.79 -0.20
N VAL B 19 0.13 14.85 -1.17
CA VAL B 19 1.52 14.53 -0.97
C VAL B 19 2.35 15.82 -0.79
N MET B 20 3.11 15.85 0.29
CA MET B 20 3.96 16.97 0.61
C MET B 20 5.41 16.55 0.40
N GLY B 21 6.11 17.20 -0.51
CA GLY B 21 7.48 16.83 -0.85
C GLY B 21 8.46 17.51 0.10
N ILE B 22 9.52 16.81 0.47
CA ILE B 22 10.52 17.38 1.35
C ILE B 22 11.58 18.14 0.55
N LEU B 23 11.79 19.41 0.91
CA LEU B 23 12.83 20.23 0.32
C LEU B 23 13.91 20.53 1.38
N ASN B 24 15.12 20.00 1.14
CA ASN B 24 16.33 20.29 1.97
C ASN B 24 17.03 21.57 1.58
N VAL B 25 17.15 22.56 2.48
CA VAL B 25 17.82 23.84 2.11
C VAL B 25 19.36 23.80 2.15
N ASN B 37 23.66 28.83 -7.55
CA ASN B 37 23.05 29.16 -6.27
C ASN B 37 22.36 27.94 -5.60
N SER B 38 22.41 27.93 -4.28
CA SER B 38 21.59 27.04 -3.46
C SER B 38 20.09 27.29 -3.79
N LEU B 39 19.76 28.57 -4.00
CA LEU B 39 18.41 29.02 -4.32
C LEU B 39 17.91 28.49 -5.68
N ILE B 40 18.76 28.53 -6.69
CA ILE B 40 18.46 27.95 -7.98
C ILE B 40 18.17 26.44 -7.89
N ASP B 41 18.94 25.71 -7.11
CA ASP B 41 18.72 24.29 -7.00
C ASP B 41 17.49 23.94 -6.18
N ALA B 42 17.22 24.75 -5.18
CA ALA B 42 16.03 24.59 -4.37
C ALA B 42 14.79 24.79 -5.26
N VAL B 43 14.82 25.80 -6.13
CA VAL B 43 13.71 26.03 -7.09
C VAL B 43 13.59 24.88 -8.06
N LYS B 44 14.71 24.43 -8.59
CA LYS B 44 14.71 23.27 -9.46
C LYS B 44 14.11 22.03 -8.77
N HIS B 45 14.51 21.73 -7.53
CA HIS B 45 13.98 20.55 -6.84
C HIS B 45 12.48 20.74 -6.56
N ALA B 46 12.07 21.95 -6.17
CA ALA B 46 10.64 22.25 -5.99
C ALA B 46 9.86 21.97 -7.27
N ASN B 47 10.40 22.44 -8.40
CA ASN B 47 9.78 22.22 -9.70
C ASN B 47 9.60 20.73 -10.01
N LEU B 48 10.62 19.93 -9.68
CA LEU B 48 10.57 18.50 -9.95
C LEU B 48 9.49 17.81 -9.12
N MET B 49 9.35 18.22 -7.87
CA MET B 49 8.34 17.65 -6.98
C MET B 49 6.90 18.05 -7.38
N ILE B 50 6.72 19.29 -7.82
CA ILE B 50 5.42 19.75 -8.34
C ILE B 50 5.05 18.98 -9.59
N ASN B 51 6.02 18.76 -10.48
CA ASN B 51 5.80 17.99 -11.67
C ASN B 51 5.46 16.56 -11.37
N ALA B 52 5.98 16.02 -10.24
CA ALA B 52 5.64 14.66 -9.83
C ALA B 52 4.30 14.58 -9.08
N GLY B 53 3.69 15.73 -8.77
CA GLY B 53 2.33 15.76 -8.17
C GLY B 53 2.24 16.17 -6.71
N ALA B 54 3.34 16.66 -6.14
CA ALA B 54 3.30 17.27 -4.81
C ALA B 54 2.48 18.52 -4.86
N THR B 55 1.62 18.69 -3.88
CA THR B 55 0.81 19.90 -3.77
C THR B 55 1.21 20.73 -2.58
N ILE B 56 2.16 20.24 -1.79
CA ILE B 56 2.73 21.02 -0.69
C ILE B 56 4.23 20.73 -0.71
N ILE B 57 5.04 21.74 -0.45
CA ILE B 57 6.49 21.58 -0.32
C ILE B 57 6.87 21.98 1.09
N ASP B 58 7.54 21.08 1.79
CA ASP B 58 8.04 21.35 3.11
C ASP B 58 9.51 21.84 3.09
N VAL B 59 9.70 23.06 3.52
CA VAL B 59 10.99 23.73 3.50
C VAL B 59 11.56 23.74 4.93
N GLY B 60 12.79 23.30 5.08
CA GLY B 60 13.50 23.46 6.37
C GLY B 60 14.99 23.44 6.14
N THR B 64 17.02 20.70 8.88
CA THR B 64 16.90 20.79 10.33
C THR B 64 16.19 19.55 10.93
N ARG B 65 16.79 18.38 10.71
CA ARG B 65 16.38 17.12 11.39
C ARG B 65 16.71 17.17 12.89
N PRO B 66 16.33 16.15 13.67
CA PRO B 66 16.85 16.02 15.05
C PRO B 66 18.27 15.42 15.12
N GLY B 67 19.09 15.92 16.05
CA GLY B 67 20.54 15.68 16.10
C GLY B 67 21.34 16.80 15.41
N ALA B 68 20.71 17.44 14.43
CA ALA B 68 21.38 18.41 13.58
C ALA B 68 21.85 19.64 14.34
N ALA B 69 22.72 20.39 13.71
CA ALA B 69 23.32 21.57 14.30
C ALA B 69 22.26 22.65 14.43
N GLU B 70 22.10 23.17 15.65
CA GLU B 70 21.28 24.35 15.87
C GLU B 70 21.88 25.54 15.14
N VAL B 71 21.04 26.49 14.71
CA VAL B 71 21.53 27.68 14.02
C VAL B 71 20.95 28.93 14.65
N SER B 72 21.58 30.06 14.34
CA SER B 72 21.14 31.33 14.86
C SER B 72 19.89 31.75 14.10
N VAL B 73 19.14 32.66 14.69
CA VAL B 73 17.97 33.28 14.03
C VAL B 73 18.36 33.78 12.66
N GLU B 74 19.44 34.54 12.63
CA GLU B 74 19.94 35.22 11.43
C GLU B 74 20.27 34.22 10.31
N GLU B 75 20.95 33.14 10.67
CA GLU B 75 21.28 32.14 9.68
C GLU B 75 20.00 31.45 9.18
N GLU B 76 19.12 31.08 10.08
CA GLU B 76 17.88 30.41 9.68
C GLU B 76 17.04 31.30 8.73
N LEU B 77 16.93 32.60 9.01
CA LEU B 77 16.25 33.54 8.11
C LEU B 77 16.91 33.58 6.74
N GLN B 78 18.23 33.69 6.70
CA GLN B 78 18.95 33.75 5.43
C GLN B 78 18.79 32.49 4.61
N ARG B 79 18.65 31.34 5.28
CA ARG B 79 18.50 30.08 4.56
C ARG B 79 17.09 29.89 4.08
N VAL B 80 16.11 30.22 4.93
CA VAL B 80 14.75 29.79 4.73
C VAL B 80 13.94 30.83 3.92
N ILE B 81 14.07 32.11 4.26
CA ILE B 81 13.16 33.13 3.71
C ILE B 81 13.31 33.27 2.19
N PRO B 82 14.54 33.33 1.65
CA PRO B 82 14.65 33.40 0.20
C PRO B 82 14.05 32.22 -0.57
N VAL B 83 14.08 31.04 0.04
CA VAL B 83 13.53 29.84 -0.59
C VAL B 83 11.99 29.90 -0.63
N VAL B 84 11.37 30.20 0.51
CA VAL B 84 9.93 30.37 0.64
C VAL B 84 9.49 31.45 -0.36
N GLU B 85 10.16 32.59 -0.34
CA GLU B 85 9.86 33.66 -1.25
C GLU B 85 9.95 33.26 -2.70
N ALA B 86 11.00 32.52 -3.08
CA ALA B 86 11.19 32.14 -4.48
C ALA B 86 10.13 31.15 -4.96
N ILE B 87 9.73 30.23 -4.10
CA ILE B 87 8.71 29.26 -4.42
C ILE B 87 7.35 29.97 -4.53
N ALA B 88 7.08 30.87 -3.59
CA ALA B 88 5.81 31.60 -3.61
C ALA B 88 5.65 32.47 -4.84
N GLN B 89 6.76 33.02 -5.35
CA GLN B 89 6.75 33.83 -6.57
C GLN B 89 6.59 33.03 -7.86
N ARG B 90 7.04 31.79 -7.86
CA ARG B 90 7.07 31.00 -9.08
C ARG B 90 5.98 29.96 -9.23
N PHE B 91 5.38 29.47 -8.15
CA PHE B 91 4.57 28.27 -8.21
C PHE B 91 3.27 28.47 -7.48
N GLU B 92 2.28 27.63 -7.77
CA GLU B 92 0.97 27.70 -7.08
C GLU B 92 0.92 26.85 -5.81
N VAL B 93 1.88 25.96 -5.67
CA VAL B 93 1.96 24.97 -4.58
C VAL B 93 1.87 25.59 -3.18
N TRP B 94 1.36 24.83 -2.23
CA TRP B 94 1.42 25.29 -0.85
C TRP B 94 2.84 25.03 -0.29
N ILE B 95 3.20 25.85 0.69
CA ILE B 95 4.56 25.90 1.27
C ILE B 95 4.43 25.74 2.77
N SER B 96 5.05 24.69 3.29
CA SER B 96 5.08 24.37 4.72
C SER B 96 6.47 24.76 5.19
N VAL B 97 6.58 25.42 6.34
N VAL B 97 6.59 25.39 6.35
CA VAL B 97 7.89 25.81 6.88
CA VAL B 97 7.89 25.79 6.86
C VAL B 97 8.16 25.09 8.20
C VAL B 97 8.16 25.08 8.20
N ASP B 98 9.29 24.38 8.25
CA ASP B 98 9.74 23.68 9.49
C ASP B 98 10.64 24.61 10.27
N THR B 99 10.10 25.19 11.32
CA THR B 99 10.87 26.10 12.17
C THR B 99 10.25 26.09 13.54
N SER B 100 11.05 26.48 14.52
CA SER B 100 10.63 26.67 15.87
C SER B 100 10.78 28.14 16.33
N LYS B 101 11.33 29.00 15.51
CA LYS B 101 11.68 30.35 15.93
C LYS B 101 10.60 31.39 15.54
N PRO B 102 10.13 32.21 16.51
CA PRO B 102 9.11 33.22 16.21
C PRO B 102 9.49 34.13 15.05
N GLU B 103 10.75 34.55 14.95
CA GLU B 103 11.17 35.44 13.86
C GLU B 103 11.00 34.79 12.48
N VAL B 104 11.27 33.50 12.42
CA VAL B 104 11.20 32.79 11.17
C VAL B 104 9.74 32.55 10.83
N ILE B 105 8.91 32.28 11.84
CA ILE B 105 7.48 32.13 11.64
C ILE B 105 6.90 33.41 11.01
N ARG B 106 7.23 34.55 11.62
CA ARG B 106 6.74 35.84 11.14
C ARG B 106 7.18 36.16 9.75
N GLU B 107 8.49 36.09 9.53
CA GLU B 107 9.03 36.46 8.22
C GLU B 107 8.58 35.49 7.11
N SER B 108 8.45 34.21 7.45
CA SER B 108 7.97 33.21 6.49
C SER B 108 6.54 33.55 5.97
N ALA B 109 5.69 33.94 6.87
CA ALA B 109 4.30 34.34 6.55
C ALA B 109 4.31 35.57 5.67
N LYS B 110 5.22 36.51 5.93
CA LYS B 110 5.29 37.74 5.12
C LYS B 110 5.65 37.43 3.71
N VAL B 111 6.43 36.38 3.43
CA VAL B 111 6.80 36.08 2.05
C VAL B 111 6.05 34.91 1.38
N GLY B 112 5.00 34.40 2.02
CA GLY B 112 4.05 33.50 1.34
C GLY B 112 3.87 32.08 1.85
N ALA B 113 4.44 31.73 3.00
CA ALA B 113 4.22 30.40 3.57
C ALA B 113 2.78 30.16 3.92
N HIS B 114 2.35 28.91 3.74
CA HIS B 114 0.98 28.53 4.02
C HIS B 114 0.79 27.80 5.33
N ILE B 115 1.75 26.95 5.73
CA ILE B 115 1.61 26.14 6.94
C ILE B 115 2.88 26.27 7.79
N ILE B 116 2.70 26.52 9.09
CA ILE B 116 3.80 26.52 10.05
C ILE B 116 3.88 25.11 10.65
N ASN B 117 4.97 24.45 10.36
CA ASN B 117 5.15 23.08 10.82
C ASN B 117 6.27 23.07 11.83
N ASP B 118 5.92 23.20 13.10
CA ASP B 118 6.93 23.22 14.13
C ASP B 118 7.05 21.86 14.81
N ILE B 119 8.22 21.24 14.68
CA ILE B 119 8.47 19.96 15.35
C ILE B 119 8.42 20.09 16.87
N ARG B 120 8.79 21.29 17.37
CA ARG B 120 8.60 21.62 18.80
C ARG B 120 7.19 22.11 19.22
N SER B 121 6.20 22.12 18.32
CA SER B 121 4.81 22.55 18.63
C SER B 121 4.73 23.92 19.37
N LEU B 122 5.52 24.87 18.90
CA LEU B 122 5.49 26.26 19.36
C LEU B 122 5.88 26.40 20.85
N SER B 123 6.86 25.61 21.29
CA SER B 123 7.32 25.68 22.66
C SER B 123 8.41 26.72 22.87
N GLU B 124 9.12 27.17 21.83
CA GLU B 124 10.13 28.21 22.03
C GLU B 124 9.43 29.53 22.47
N PRO B 125 10.12 30.36 23.28
CA PRO B 125 9.45 31.60 23.71
C PRO B 125 9.02 32.44 22.52
N GLY B 126 7.77 32.89 22.50
CA GLY B 126 7.30 33.75 21.45
C GLY B 126 6.75 32.99 20.25
N ALA B 127 7.01 31.70 20.11
CA ALA B 127 6.62 30.99 18.89
C ALA B 127 5.11 30.91 18.79
N LEU B 128 4.45 30.59 19.90
CA LEU B 128 3.01 30.48 19.92
C LEU B 128 2.32 31.77 19.48
N GLU B 129 2.83 32.90 19.97
CA GLU B 129 2.26 34.21 19.67
C GLU B 129 2.49 34.60 18.21
N ALA B 130 3.69 34.29 17.73
CA ALA B 130 4.02 34.58 16.34
C ALA B 130 3.11 33.79 15.40
N ALA B 131 2.93 32.52 15.68
CA ALA B 131 2.05 31.68 14.88
C ALA B 131 0.61 32.22 14.87
N ALA B 132 0.10 32.57 16.06
CA ALA B 132 -1.24 33.16 16.18
C ALA B 132 -1.38 34.44 15.34
N GLU B 133 -0.40 35.33 15.40
CA GLU B 133 -0.40 36.57 14.59
C GLU B 133 -0.44 36.33 13.10
N THR B 134 0.13 35.22 12.62
CA THR B 134 0.20 35.01 11.19
C THR B 134 -1.18 34.70 10.63
N GLY B 135 -2.05 34.10 11.44
CA GLY B 135 -3.32 33.60 10.98
C GLY B 135 -3.21 32.34 10.13
N LEU B 136 -2.03 31.75 10.03
CA LEU B 136 -1.82 30.59 9.18
C LEU B 136 -2.19 29.29 9.89
N PRO B 137 -2.48 28.24 9.11
CA PRO B 137 -2.55 26.89 9.67
C PRO B 137 -1.27 26.47 10.38
N VAL B 138 -1.44 25.70 11.43
CA VAL B 138 -0.37 25.31 12.31
C VAL B 138 -0.42 23.80 12.53
N CYS B 139 0.69 23.12 12.26
CA CYS B 139 0.75 21.68 12.50
C CYS B 139 1.31 21.40 13.92
N LEU B 140 0.57 20.64 14.72
CA LEU B 140 1.01 20.20 16.07
C LEU B 140 1.57 18.79 16.00
N MET B 141 2.86 18.65 16.28
CA MET B 141 3.53 17.35 16.21
C MET B 141 3.94 16.85 17.57
N HIS B 142 3.69 15.58 17.85
CA HIS B 142 4.12 14.98 19.10
C HIS B 142 5.59 14.61 19.01
N MET B 143 6.36 15.05 20.01
CA MET B 143 7.76 14.67 20.17
C MET B 143 8.09 14.57 21.66
N GLN B 144 9.00 13.69 22.05
CA GLN B 144 9.54 13.66 23.41
C GLN B 144 11.03 13.92 23.42
N PRO B 154 12.76 5.48 24.61
CA PRO B 154 11.29 5.59 24.51
C PRO B 154 10.58 4.62 25.45
N LYS B 155 9.72 5.14 26.32
CA LYS B 155 8.89 4.33 27.22
C LYS B 155 7.51 4.96 27.41
N TYR B 156 6.44 4.22 27.08
CA TYR B 156 5.05 4.65 27.27
C TYR B 156 4.18 3.48 27.80
N ASP B 157 3.13 3.79 28.57
CA ASP B 157 2.11 2.78 28.94
C ASP B 157 1.27 2.43 27.71
N ASP B 158 0.63 3.47 27.17
CA ASP B 158 -0.26 3.40 26.01
C ASP B 158 0.16 4.59 25.14
N VAL B 159 0.98 4.33 24.13
CA VAL B 159 1.55 5.41 23.33
C VAL B 159 0.47 6.25 22.65
N PHE B 160 -0.56 5.59 22.16
CA PHE B 160 -1.70 6.27 21.60
C PHE B 160 -2.34 7.25 22.59
N ALA B 161 -2.60 6.78 23.81
CA ALA B 161 -3.22 7.62 24.85
C ALA B 161 -2.34 8.82 25.20
N GLU B 162 -1.03 8.63 25.28
CA GLU B 162 -0.13 9.74 25.59
C GLU B 162 -0.16 10.75 24.46
N VAL B 163 0.00 10.28 23.24
CA VAL B 163 -0.08 11.20 22.12
C VAL B 163 -1.42 11.93 22.10
N ASN B 164 -2.49 11.20 22.39
CA ASN B 164 -3.84 11.74 22.33
C ASN B 164 -4.00 12.85 23.39
N ARG B 165 -3.40 12.62 24.55
CA ARG B 165 -3.42 13.57 25.66
C ARG B 165 -2.65 14.82 25.28
N TYR B 166 -1.47 14.61 24.68
CA TYR B 166 -0.68 15.71 24.17
C TYR B 166 -1.45 16.59 23.19
N PHE B 167 -2.16 15.98 22.25
CA PHE B 167 -2.99 16.75 21.35
C PHE B 167 -4.03 17.59 22.05
N ILE B 168 -4.77 17.00 22.99
CA ILE B 168 -5.82 17.74 23.73
C ILE B 168 -5.22 19.00 24.38
N GLU B 169 -4.08 18.81 25.03
CA GLU B 169 -3.34 19.87 25.71
C GLU B 169 -2.91 20.94 24.73
N GLN B 170 -2.25 20.54 23.65
CA GLN B 170 -1.75 21.53 22.69
C GLN B 170 -2.86 22.25 21.95
N ILE B 171 -3.95 21.56 21.63
CA ILE B 171 -5.10 22.20 21.03
C ILE B 171 -5.58 23.32 21.96
N ALA B 172 -5.71 23.01 23.25
CA ALA B 172 -6.21 23.94 24.26
C ALA B 172 -5.27 25.16 24.35
N ARG B 173 -3.97 24.89 24.43
CA ARG B 173 -2.94 25.93 24.45
C ARG B 173 -3.06 26.82 23.22
N CYS B 174 -3.29 26.24 22.04
CA CYS B 174 -3.46 27.06 20.83
C CYS B 174 -4.74 27.91 20.85
N GLU B 175 -5.87 27.30 21.22
CA GLU B 175 -7.15 28.02 21.26
C GLU B 175 -7.09 29.19 22.23
N GLN B 176 -6.44 28.98 23.36
CA GLN B 176 -6.20 30.01 24.37
C GLN B 176 -5.41 31.20 23.80
N ALA B 177 -4.47 30.93 22.89
CA ALA B 177 -3.69 31.99 22.25
C ALA B 177 -4.41 32.66 21.08
N GLY B 178 -5.67 32.33 20.83
CA GLY B 178 -6.43 32.89 19.71
C GLY B 178 -6.26 32.18 18.35
N ILE B 179 -5.70 30.98 18.35
CA ILE B 179 -5.63 30.18 17.12
C ILE B 179 -6.89 29.32 17.08
N ALA B 180 -7.77 29.61 16.12
CA ALA B 180 -8.99 28.81 15.91
C ALA B 180 -8.65 27.32 15.61
N LYS B 181 -9.51 26.42 16.07
CA LYS B 181 -9.34 24.97 15.82
C LYS B 181 -9.25 24.65 14.31
N GLU B 182 -9.96 25.42 13.48
CA GLU B 182 -10.02 25.23 12.02
C GLU B 182 -8.67 25.45 11.35
N LYS B 183 -7.71 26.04 12.07
CA LYS B 183 -6.34 26.21 11.58
C LYS B 183 -5.39 25.12 11.98
N LEU B 184 -5.81 24.16 12.78
CA LEU B 184 -4.87 23.20 13.34
C LEU B 184 -4.79 21.92 12.52
N LEU B 185 -3.59 21.31 12.51
CA LEU B 185 -3.35 19.98 11.97
C LEU B 185 -2.62 19.18 13.01
N LEU B 186 -2.88 17.87 13.07
CA LEU B 186 -2.24 16.96 14.04
C LEU B 186 -1.31 15.95 13.37
N ASP B 187 -0.10 15.84 13.91
CA ASP B 187 0.90 14.89 13.47
C ASP B 187 1.35 14.09 14.69
N PRO B 188 1.21 12.74 14.67
CA PRO B 188 1.66 11.92 15.80
C PRO B 188 3.16 11.78 15.92
N GLY B 189 3.92 12.25 14.92
CA GLY B 189 5.38 12.36 14.99
C GLY B 189 6.11 11.02 14.97
N PHE B 190 5.95 10.28 13.87
CA PHE B 190 6.65 9.04 13.71
C PHE B 190 8.16 9.26 13.78
N GLY B 191 8.84 8.34 14.47
CA GLY B 191 10.32 8.36 14.61
C GLY B 191 10.91 9.24 15.71
N PHE B 192 10.06 9.94 16.48
CA PHE B 192 10.51 11.03 17.37
C PHE B 192 10.40 10.67 18.85
N GLY B 193 11.50 10.09 19.36
CA GLY B 193 11.48 9.47 20.67
C GLY B 193 10.47 8.34 20.68
N LYS B 194 10.43 7.58 19.59
CA LYS B 194 9.55 6.43 19.48
C LYS B 194 10.34 5.25 18.94
N ASN B 195 10.31 4.15 19.68
CA ASN B 195 10.89 2.90 19.22
C ASN B 195 10.00 2.22 18.16
N LEU B 196 10.42 1.04 17.73
CA LEU B 196 9.76 0.32 16.67
C LEU B 196 8.30 0.01 16.99
N SER B 197 8.03 -0.58 18.15
CA SER B 197 6.64 -0.97 18.43
C SER B 197 5.74 0.21 18.72
N HIS B 198 6.29 1.29 19.26
CA HIS B 198 5.47 2.48 19.49
C HIS B 198 5.02 3.09 18.16
N ASN B 199 5.95 3.14 17.22
CA ASN B 199 5.66 3.68 15.91
C ASN B 199 4.54 2.90 15.22
N TYR B 200 4.64 1.58 15.17
CA TYR B 200 3.62 0.73 14.57
C TYR B 200 2.32 0.71 15.33
N SER B 201 2.37 0.93 16.65
CA SER B 201 1.11 1.08 17.40
C SER B 201 0.37 2.32 16.96
N LEU B 202 1.11 3.42 16.81
CA LEU B 202 0.49 4.66 16.38
C LEU B 202 -0.07 4.56 14.96
N LEU B 203 0.71 3.94 14.06
CA LEU B 203 0.22 3.67 12.69
C LEU B 203 -1.01 2.78 12.66
N ALA B 204 -1.01 1.70 13.44
CA ALA B 204 -2.17 0.80 13.50
C ALA B 204 -3.41 1.51 13.98
N ARG B 205 -3.25 2.48 14.88
CA ARG B 205 -4.41 3.15 15.49
C ARG B 205 -4.63 4.57 14.95
N LEU B 206 -3.99 4.93 13.82
CA LEU B 206 -4.06 6.30 13.33
C LEU B 206 -5.48 6.87 13.17
N ALA B 207 -6.38 6.04 12.66
CA ALA B 207 -7.75 6.45 12.36
C ALA B 207 -8.50 6.95 13.60
N GLU B 208 -8.10 6.49 14.78
CA GLU B 208 -8.70 6.92 16.04
C GLU B 208 -8.50 8.41 16.32
N PHE B 209 -7.41 8.98 15.80
CA PHE B 209 -7.19 10.42 15.91
C PHE B 209 -8.17 11.28 15.14
N HIS B 210 -9.04 10.69 14.34
CA HIS B 210 -10.11 11.46 13.65
C HIS B 210 -11.17 12.03 14.60
N HIS B 211 -11.22 11.57 15.83
CA HIS B 211 -12.24 12.08 16.73
C HIS B 211 -12.05 13.60 16.98
N PHE B 212 -10.85 14.16 16.75
CA PHE B 212 -10.69 15.60 16.89
C PHE B 212 -11.33 16.42 15.78
N ASN B 213 -11.70 15.75 14.68
CA ASN B 213 -12.13 16.38 13.43
C ASN B 213 -11.15 17.41 12.90
N LEU B 214 -9.87 17.04 12.95
CA LEU B 214 -8.82 17.87 12.39
C LEU B 214 -8.02 17.11 11.34
N PRO B 215 -7.38 17.84 10.41
CA PRO B 215 -6.50 17.15 9.46
C PRO B 215 -5.39 16.38 10.17
N LEU B 216 -4.99 15.24 9.61
CA LEU B 216 -3.85 14.42 10.07
C LEU B 216 -2.73 14.48 9.04
N LEU B 217 -1.52 14.79 9.54
CA LEU B 217 -0.33 14.85 8.73
C LEU B 217 0.60 13.79 9.26
N VAL B 218 1.19 12.99 8.37
CA VAL B 218 2.12 11.96 8.81
C VAL B 218 3.39 12.03 7.98
N GLY B 219 4.47 11.61 8.60
CA GLY B 219 5.77 11.55 7.97
C GLY B 219 6.51 10.31 8.42
N MET B 220 6.54 9.31 7.56
CA MET B 220 7.28 8.08 7.81
C MET B 220 8.36 7.80 6.79
N SER B 221 8.46 8.66 5.79
CA SER B 221 9.31 8.41 4.63
C SER B 221 10.79 8.12 5.01
N ARG B 222 11.28 6.93 4.63
CA ARG B 222 12.69 6.47 4.85
C ARG B 222 13.14 6.41 6.31
N LYS B 223 12.21 6.38 7.27
CA LYS B 223 12.58 6.45 8.68
C LYS B 223 13.07 5.10 9.20
N SER B 224 13.62 5.17 10.41
CA SER B 224 14.20 3.98 11.01
C SER B 224 13.13 2.94 11.34
N MET B 225 11.87 3.34 11.51
CA MET B 225 10.75 2.39 11.67
C MET B 225 10.54 1.43 10.47
N ILE B 226 11.08 1.83 9.32
CA ILE B 226 11.17 0.98 8.14
C ILE B 226 12.56 0.30 8.11
N GLY B 227 13.62 1.13 8.18
CA GLY B 227 15.02 0.67 8.17
C GLY B 227 15.35 -0.49 9.11
N GLN B 228 14.83 -0.42 10.33
CA GLN B 228 15.08 -1.42 11.39
C GLN B 228 14.26 -2.65 11.20
N LEU B 229 13.01 -2.48 10.76
CA LEU B 229 12.15 -3.61 10.48
C LEU B 229 12.74 -4.43 9.38
N LEU B 230 13.15 -3.75 8.32
CA LEU B 230 13.64 -4.43 7.13
C LEU B 230 15.15 -4.72 7.09
N ASN B 231 15.92 -4.13 8.01
N ASN B 231 15.92 -4.12 8.01
CA ASN B 231 17.40 -4.15 7.98
CA ASN B 231 17.40 -4.15 7.97
C ASN B 231 17.97 -3.72 6.63
C ASN B 231 17.97 -3.72 6.63
N VAL B 232 17.62 -2.51 6.19
CA VAL B 232 18.15 -1.91 4.97
C VAL B 232 18.55 -0.46 5.21
N GLY B 233 19.46 0.05 4.39
CA GLY B 233 19.96 1.42 4.51
C GLY B 233 18.96 2.47 4.01
N PRO B 234 19.24 3.76 4.25
CA PRO B 234 18.31 4.86 3.96
C PRO B 234 17.86 4.96 2.52
N SER B 235 18.70 4.55 1.58
CA SER B 235 18.37 4.58 0.17
C SER B 235 17.59 3.33 -0.34
N GLU B 236 17.36 2.33 0.51
CA GLU B 236 16.64 1.11 0.08
C GLU B 236 15.25 0.96 0.76
N ARG B 237 14.66 2.06 1.19
CA ARG B 237 13.46 2.04 2.00
C ARG B 237 12.18 2.46 1.26
N LEU B 238 12.25 2.57 -0.06
CA LEU B 238 11.12 3.09 -0.84
C LEU B 238 9.88 2.22 -0.70
N SER B 239 10.04 0.92 -0.83
CA SER B 239 8.87 0.03 -0.78
C SER B 239 8.19 0.09 0.59
N GLY B 240 8.97 0.06 1.65
CA GLY B 240 8.44 0.18 3.00
C GLY B 240 7.81 1.54 3.25
N SER B 241 8.40 2.59 2.69
CA SER B 241 7.87 3.97 2.80
C SER B 241 6.52 4.09 2.13
N LEU B 242 6.41 3.47 0.95
CA LEU B 242 5.16 3.44 0.22
C LEU B 242 4.08 2.69 1.01
N ALA B 243 4.46 1.57 1.62
CA ALA B 243 3.54 0.79 2.44
C ALA B 243 2.98 1.64 3.59
N CYS B 244 3.88 2.34 4.30
CA CYS B 244 3.47 3.20 5.36
C CYS B 244 2.51 4.31 4.89
N ALA B 245 2.82 4.94 3.76
CA ALA B 245 1.97 5.98 3.21
C ALA B 245 0.59 5.44 2.87
N VAL B 246 0.55 4.25 2.27
CA VAL B 246 -0.72 3.66 1.88
C VAL B 246 -1.56 3.30 3.13
N ILE B 247 -0.90 2.72 4.10
CA ILE B 247 -1.54 2.32 5.37
C ILE B 247 -2.14 3.55 6.05
N ALA B 248 -1.37 4.66 6.07
CA ALA B 248 -1.91 5.90 6.64
C ALA B 248 -3.04 6.49 5.81
N ALA B 249 -2.89 6.48 4.48
CA ALA B 249 -3.88 7.14 3.63
C ALA B 249 -5.21 6.36 3.66
N MET B 250 -5.13 5.04 3.71
CA MET B 250 -6.30 4.20 3.81
C MET B 250 -7.12 4.49 5.08
N GLN B 251 -6.44 4.97 6.13
CA GLN B 251 -7.09 5.40 7.35
C GLN B 251 -7.52 6.87 7.36
N GLY B 252 -7.43 7.55 6.22
CA GLY B 252 -7.94 8.89 6.12
C GLY B 252 -6.95 9.97 6.47
N ALA B 253 -5.66 9.65 6.51
CA ALA B 253 -4.65 10.68 6.65
C ALA B 253 -4.71 11.67 5.50
N HIS B 254 -4.55 12.97 5.81
CA HIS B 254 -4.80 14.04 4.85
C HIS B 254 -3.57 14.51 4.09
N ILE B 255 -2.41 14.51 4.76
CA ILE B 255 -1.16 14.96 4.17
C ILE B 255 -0.09 13.94 4.50
N ILE B 256 0.64 13.47 3.49
CA ILE B 256 1.71 12.51 3.64
C ILE B 256 3.03 13.19 3.22
N ARG B 257 3.96 13.30 4.16
CA ARG B 257 5.24 13.95 3.94
C ARG B 257 6.28 12.96 3.48
N VAL B 258 6.82 13.14 2.27
CA VAL B 258 7.74 12.16 1.69
C VAL B 258 8.91 12.75 0.93
N HIS B 259 9.95 11.92 0.79
CA HIS B 259 11.06 12.22 -0.13
C HIS B 259 10.73 11.89 -1.57
N ASP B 260 10.00 10.79 -1.80
CA ASP B 260 9.86 10.23 -3.12
C ASP B 260 8.47 10.54 -3.65
N VAL B 261 8.32 11.71 -4.24
CA VAL B 261 7.01 12.24 -4.52
C VAL B 261 6.26 11.43 -5.59
N LYS B 262 6.89 11.15 -6.73
CA LYS B 262 6.22 10.53 -7.87
C LYS B 262 5.58 9.21 -7.46
N GLU B 263 6.34 8.40 -6.76
CA GLU B 263 5.91 7.06 -6.38
C GLU B 263 4.80 7.12 -5.33
N THR B 264 4.92 8.06 -4.39
CA THR B 264 3.91 8.21 -3.38
C THR B 264 2.60 8.68 -4.04
N VAL B 265 2.70 9.65 -4.96
CA VAL B 265 1.51 10.19 -5.65
C VAL B 265 0.79 9.06 -6.39
N GLU B 266 1.55 8.22 -7.09
CA GLU B 266 0.96 7.05 -7.77
C GLU B 266 0.21 6.16 -6.76
N ALA B 267 0.86 5.82 -5.65
CA ALA B 267 0.22 5.02 -4.61
C ALA B 267 -1.05 5.67 -4.07
N MET B 268 -1.05 6.99 -3.92
CA MET B 268 -2.20 7.73 -3.43
C MET B 268 -3.37 7.72 -4.41
N ARG B 269 -3.11 7.71 -5.71
CA ARG B 269 -4.19 7.62 -6.69
C ARG B 269 -4.90 6.26 -6.62
N VAL B 270 -4.13 5.23 -6.31
CA VAL B 270 -4.69 3.91 -6.06
C VAL B 270 -5.53 3.94 -4.78
N VAL B 271 -4.99 4.50 -3.70
CA VAL B 271 -5.79 4.69 -2.49
C VAL B 271 -7.10 5.44 -2.76
N GLU B 272 -7.00 6.56 -3.47
CA GLU B 272 -8.16 7.38 -3.87
C GLU B 272 -9.21 6.61 -4.68
N ALA B 273 -8.77 5.85 -5.68
CA ALA B 273 -9.69 4.96 -6.43
C ALA B 273 -10.39 3.97 -5.50
N THR B 274 -9.64 3.37 -4.57
CA THR B 274 -10.20 2.46 -3.57
C THR B 274 -11.20 3.15 -2.64
N LEU B 275 -10.80 4.25 -2.03
CA LEU B 275 -11.67 4.96 -1.10
C LEU B 275 -12.95 5.53 -1.77
N SER B 276 -12.85 5.94 -3.04
CA SER B 276 -14.04 6.38 -3.81
C SER B 276 -15.04 5.27 -4.10
N ALA B 277 -14.56 4.05 -4.23
CA ALA B 277 -15.44 2.89 -4.35
C ALA B 277 -16.00 2.41 -2.99
N LYS B 278 -15.46 2.91 -1.90
CA LYS B 278 -15.90 2.50 -0.58
C LYS B 278 -17.02 3.41 -0.09
N GLU B 279 -18.10 2.83 0.40
CA GLU B 279 -19.22 3.67 0.91
C GLU B 279 -18.82 4.47 2.17
N ASN B 280 -17.96 3.87 3.00
CA ASN B 280 -17.38 4.50 4.20
C ASN B 280 -16.27 5.56 3.91
N LYS B 281 -15.56 5.43 2.79
CA LYS B 281 -14.42 6.30 2.42
C LYS B 281 -13.22 6.29 3.41
N ARG B 282 -13.07 5.19 4.16
CA ARG B 282 -12.04 5.08 5.20
C ARG B 282 -11.96 3.64 5.69
N TYR B 283 -10.77 3.24 6.15
CA TYR B 283 -10.56 1.93 6.75
C TYR B 283 -10.18 2.13 8.20
N GLU B 284 -10.67 1.23 9.04
CA GLU B 284 -10.41 1.24 10.49
C GLU B 284 -10.29 -0.21 10.96
#